data_6G2X
#
_entry.id   6G2X
#
_cell.length_a   93.282
_cell.length_b   93.282
_cell.length_c   65.997
_cell.angle_alpha   90.00
_cell.angle_beta   90.00
_cell.angle_gamma   120.00
#
_symmetry.space_group_name_H-M   'P 61'
#
loop_
_entity.id
_entity.type
_entity.pdbx_description
1 polymer 'Transitional endoplasmic reticulum ATPase'
2 non-polymer (4S)-2-METHYL-2,4-PENTANEDIOL
3 non-polymer 'DIMETHYL SULFOXIDE'
4 non-polymer ~{N}-(4-fluorophenyl)-2-pyrrolidin-1-yl-ethanamide
5 non-polymer "ADENOSINE-5'-DIPHOSPHATE"
6 non-polymer 'SODIUM ION'
7 water water
#
_entity_poly.entity_id   1
_entity_poly.type   'polypeptide(L)'
_entity_poly.pdbx_seq_one_letter_code
;GPGSALRETVVEVPQVTWEDIGGLEDVKRELQELVQYPVEHPDKFLKFGMTPSKGVLFYGPPGCGKTLLAKAIANECQAN
FISIKGPELLTMWFGESEANVREIFDKARQAAPCVLFFDELDSIAKARGGNIGDGGGAADRVINQILTEMDGMSTKKNVF
IIGATNRPDIIDPAILRPGRLDQLIYIPLPDEKSRVAILKANLRKSPVAKDVDLEFLAKMTNGFSGADLTEICQRACKLA
IRESIESEIRRERERQTNPSAMEVEEDDPVPEIRRDHFEEAMRFARRSVSDNDIRKYEMFAQTLQQ
;
_entity_poly.pdbx_strand_id   A
#
# COMPACT_ATOMS: atom_id res chain seq x y z
N VAL A 10 -6.15 -16.27 4.91
CA VAL A 10 -6.15 -16.12 6.36
C VAL A 10 -6.58 -14.70 6.73
N VAL A 11 -7.18 -14.55 7.91
CA VAL A 11 -7.57 -13.24 8.43
C VAL A 11 -6.83 -13.00 9.73
N GLU A 12 -6.24 -11.81 9.87
CA GLU A 12 -5.35 -11.48 10.98
C GLU A 12 -5.15 -9.97 11.02
N VAL A 13 -4.68 -9.48 12.16
CA VAL A 13 -4.25 -8.08 12.24
C VAL A 13 -2.86 -7.95 11.61
N PRO A 14 -2.68 -7.16 10.56
CA PRO A 14 -1.35 -7.04 9.94
C PRO A 14 -0.33 -6.47 10.91
N GLN A 15 0.94 -6.79 10.65
CA GLN A 15 2.02 -6.23 11.45
C GLN A 15 2.69 -4.99 10.82
N VAL A 16 2.34 -4.58 9.59
CA VAL A 16 2.98 -3.38 9.02
C VAL A 16 2.43 -2.14 9.70
N THR A 17 3.30 -1.17 9.99
CA THR A 17 2.92 0.07 10.66
C THR A 17 3.21 1.27 9.76
N TRP A 18 2.79 2.46 10.21
CA TRP A 18 3.10 3.69 9.47
C TRP A 18 4.61 3.87 9.28
N GLU A 19 5.41 3.33 10.21
CA GLU A 19 6.87 3.49 10.19
C GLU A 19 7.52 2.70 9.07
N ASP A 20 6.90 1.61 8.63
CA ASP A 20 7.42 0.82 7.52
C ASP A 20 7.22 1.50 6.17
N ILE A 21 6.58 2.66 6.10
CA ILE A 21 6.16 3.30 4.86
C ILE A 21 6.91 4.61 4.73
N GLY A 22 7.80 4.72 3.73
CA GLY A 22 8.50 5.96 3.50
C GLY A 22 7.73 6.89 2.58
N GLY A 23 7.91 8.21 2.81
CA GLY A 23 7.19 9.24 2.09
C GLY A 23 5.71 9.27 2.50
N LEU A 24 4.88 9.88 1.65
CA LEU A 24 3.42 9.87 1.81
C LEU A 24 2.98 10.43 3.16
N GLU A 25 3.71 11.42 3.69
CA GLU A 25 3.44 11.91 5.05
C GLU A 25 2.10 12.64 5.14
N ASP A 26 1.69 13.33 4.07
CA ASP A 26 0.38 13.98 4.07
C ASP A 26 -0.73 12.95 4.05
N VAL A 27 -0.60 11.93 3.20
CA VAL A 27 -1.58 10.86 3.09
C VAL A 27 -1.72 10.13 4.43
N LYS A 28 -0.60 9.81 5.07
CA LYS A 28 -0.65 9.11 6.37
C LYS A 28 -1.33 9.98 7.42
N ARG A 29 -0.99 11.28 7.46
CA ARG A 29 -1.70 12.20 8.34
C ARG A 29 -3.20 12.14 8.09
N GLU A 30 -3.63 12.33 6.82
CA GLU A 30 -5.05 12.30 6.50
C GLU A 30 -5.71 10.99 6.93
N LEU A 31 -5.04 9.86 6.75
CA LEU A 31 -5.65 8.58 7.07
C LEU A 31 -5.75 8.38 8.59
N GLN A 32 -4.70 8.72 9.32
CA GLN A 32 -4.72 8.55 10.78
C GLN A 32 -5.88 9.31 11.41
N GLU A 33 -6.15 10.52 10.91
CA GLU A 33 -7.29 11.29 11.40
C GLU A 33 -8.60 10.62 11.03
N LEU A 34 -8.72 10.18 9.77
CA LEU A 34 -9.92 9.53 9.29
C LEU A 34 -10.32 8.37 10.19
N VAL A 35 -9.36 7.71 10.83
CA VAL A 35 -9.67 6.57 11.70
C VAL A 35 -9.47 6.86 13.20
N GLN A 36 -8.74 7.92 13.57
CA GLN A 36 -8.55 8.19 15.00
C GLN A 36 -9.62 9.10 15.58
N TYR A 37 -10.16 10.02 14.77
CA TYR A 37 -11.10 11.00 15.30
C TYR A 37 -12.38 10.38 15.86
N PRO A 38 -13.02 9.40 15.21
CA PRO A 38 -14.24 8.82 15.81
C PRO A 38 -14.02 8.24 17.22
N VAL A 39 -12.80 7.85 17.58
CA VAL A 39 -12.55 7.26 18.89
C VAL A 39 -11.81 8.20 19.83
N GLU A 40 -11.07 9.18 19.31
CA GLU A 40 -10.38 10.16 20.13
C GLU A 40 -11.25 11.38 20.45
N HIS A 41 -12.26 11.65 19.64
CA HIS A 41 -13.11 12.83 19.84
C HIS A 41 -14.59 12.45 19.74
N PRO A 42 -15.02 11.42 20.50
CA PRO A 42 -16.41 10.92 20.29
C PRO A 42 -17.47 11.97 20.56
N ASP A 43 -17.28 12.80 21.61
CA ASP A 43 -18.31 13.79 21.96
C ASP A 43 -18.48 14.84 20.87
N LYS A 44 -17.39 15.20 20.19
CA LYS A 44 -17.50 16.17 19.09
C LYS A 44 -18.21 15.55 17.89
N PHE A 45 -17.91 14.27 17.59
CA PHE A 45 -18.63 13.59 16.52
C PHE A 45 -20.13 13.46 16.85
N LEU A 46 -20.47 13.22 18.11
CA LEU A 46 -21.87 13.19 18.50
C LEU A 46 -22.51 14.57 18.37
N LYS A 47 -21.81 15.60 18.82
CA LYS A 47 -22.42 16.93 18.94
C LYS A 47 -22.82 17.48 17.59
N PHE A 48 -22.03 17.21 16.54
CA PHE A 48 -22.21 17.83 15.24
C PHE A 48 -22.79 16.91 14.18
N GLY A 49 -23.18 15.69 14.55
CA GLY A 49 -23.80 14.79 13.61
C GLY A 49 -22.86 14.25 12.55
N MET A 50 -21.59 14.05 12.89
CA MET A 50 -20.64 13.45 11.96
C MET A 50 -20.72 11.93 12.04
N THR A 51 -20.71 11.29 10.87
CA THR A 51 -20.69 9.87 10.63
C THR A 51 -19.29 9.41 10.23
N PRO A 52 -18.84 8.23 10.68
CA PRO A 52 -17.51 7.77 10.25
C PRO A 52 -17.50 7.40 8.77
N SER A 53 -16.29 7.35 8.21
CA SER A 53 -16.11 7.09 6.80
C SER A 53 -16.30 5.60 6.50
N LYS A 54 -16.90 5.31 5.35
CA LYS A 54 -17.07 3.93 4.91
C LYS A 54 -15.84 3.39 4.16
N GLY A 55 -14.98 4.25 3.64
CA GLY A 55 -13.78 3.76 2.99
C GLY A 55 -13.20 4.77 2.02
N VAL A 56 -12.12 4.36 1.34
CA VAL A 56 -11.38 5.23 0.42
C VAL A 56 -10.92 4.43 -0.79
N LEU A 57 -10.52 5.15 -1.84
CA LEU A 57 -10.02 4.55 -3.07
C LEU A 57 -8.64 5.12 -3.40
N PHE A 58 -7.63 4.25 -3.45
CA PHE A 58 -6.25 4.63 -3.81
C PHE A 58 -6.04 4.42 -5.30
N TYR A 59 -5.31 5.33 -5.94
CA TYR A 59 -4.85 5.12 -7.32
C TYR A 59 -3.41 5.58 -7.48
N GLY A 60 -2.70 4.93 -8.41
CA GLY A 60 -1.33 5.28 -8.72
C GLY A 60 -0.57 4.13 -9.37
N PRO A 61 0.70 4.37 -9.71
CA PRO A 61 1.50 3.35 -10.39
C PRO A 61 1.79 2.17 -9.49
N PRO A 62 2.08 1.01 -10.06
CA PRO A 62 2.26 -0.20 -9.23
C PRO A 62 3.48 -0.10 -8.32
N GLY A 63 3.34 -0.71 -7.14
CA GLY A 63 4.47 -0.86 -6.25
C GLY A 63 4.87 0.37 -5.48
N CYS A 64 3.93 1.27 -5.18
CA CYS A 64 4.28 2.50 -4.46
C CYS A 64 3.63 2.67 -3.10
N GLY A 65 2.87 1.69 -2.61
CA GLY A 65 2.42 1.74 -1.21
C GLY A 65 0.94 1.65 -0.94
N LYS A 66 0.13 1.37 -1.97
CA LYS A 66 -1.32 1.26 -1.78
C LYS A 66 -1.67 0.09 -0.87
N THR A 67 -1.06 -1.08 -1.10
CA THR A 67 -1.33 -2.22 -0.23
C THR A 67 -0.74 -1.98 1.16
N LEU A 68 0.45 -1.38 1.24
CA LEU A 68 1.03 -1.11 2.55
C LEU A 68 0.12 -0.22 3.39
N LEU A 69 -0.44 0.84 2.78
CA LEU A 69 -1.28 1.76 3.53
C LEU A 69 -2.56 1.09 4.04
N ALA A 70 -3.11 0.15 3.27
CA ALA A 70 -4.34 -0.52 3.71
C ALA A 70 -4.06 -1.40 4.92
N LYS A 71 -2.95 -2.13 4.91
CA LYS A 71 -2.56 -2.92 6.07
C LYS A 71 -2.21 -2.03 7.26
N ALA A 72 -1.60 -0.86 7.02
CA ALA A 72 -1.25 0.00 8.14
C ALA A 72 -2.49 0.59 8.80
N ILE A 73 -3.55 0.82 8.04
CA ILE A 73 -4.82 1.30 8.61
C ILE A 73 -5.43 0.23 9.53
N ALA A 74 -5.35 -1.03 9.14
CA ALA A 74 -5.87 -2.11 9.98
C ALA A 74 -5.06 -2.25 11.26
N ASN A 75 -3.74 -2.13 11.15
CA ASN A 75 -2.85 -2.21 12.32
C ASN A 75 -3.12 -1.07 13.28
N GLU A 76 -3.36 0.13 12.75
CA GLU A 76 -3.71 1.27 13.60
C GLU A 76 -4.98 1.02 14.39
N CYS A 77 -6.00 0.43 13.74
CA CYS A 77 -7.31 0.16 14.33
C CYS A 77 -7.38 -1.18 15.04
N GLN A 78 -6.29 -1.95 15.07
CA GLN A 78 -6.26 -3.32 15.61
C GLN A 78 -7.40 -4.16 15.03
N ALA A 79 -7.48 -4.16 13.70
CA ALA A 79 -8.57 -4.77 12.95
C ALA A 79 -8.05 -5.88 12.06
N ASN A 80 -8.90 -6.89 11.83
CA ASN A 80 -8.61 -7.94 10.85
C ASN A 80 -8.49 -7.34 9.45
N PHE A 81 -7.74 -8.02 8.58
CA PHE A 81 -7.47 -7.59 7.21
C PHE A 81 -7.87 -8.71 6.26
N ILE A 82 -8.75 -8.40 5.31
CA ILE A 82 -9.18 -9.36 4.28
C ILE A 82 -8.88 -8.75 2.91
N SER A 83 -8.12 -9.48 2.10
CA SER A 83 -7.64 -9.04 0.79
C SER A 83 -8.34 -9.84 -0.30
N ILE A 84 -8.87 -9.15 -1.30
CA ILE A 84 -9.61 -9.76 -2.41
C ILE A 84 -9.01 -9.24 -3.71
N LYS A 85 -8.56 -10.16 -4.56
CA LYS A 85 -7.98 -9.79 -5.86
C LYS A 85 -9.05 -9.69 -6.92
N GLY A 86 -9.07 -8.56 -7.63
CA GLY A 86 -10.06 -8.27 -8.65
C GLY A 86 -10.39 -9.43 -9.59
N PRO A 87 -9.37 -9.97 -10.28
CA PRO A 87 -9.63 -11.07 -11.21
C PRO A 87 -10.13 -12.35 -10.55
N GLU A 88 -10.00 -12.51 -9.24
CA GLU A 88 -10.48 -13.72 -8.58
C GLU A 88 -12.00 -13.76 -8.42
N LEU A 89 -12.70 -12.66 -8.72
CA LEU A 89 -14.16 -12.65 -8.65
C LEU A 89 -14.77 -13.23 -9.91
N LEU A 90 -14.02 -14.09 -10.61
CA LEU A 90 -14.39 -14.62 -11.91
C LEU A 90 -14.33 -16.14 -11.85
N THR A 91 -15.48 -16.80 -11.94
CA THR A 91 -15.55 -18.26 -11.94
C THR A 91 -16.28 -18.79 -13.18
N SER A 97 -23.01 -16.72 -9.93
CA SER A 97 -21.78 -16.39 -9.19
C SER A 97 -21.78 -14.92 -8.74
N GLU A 98 -22.95 -14.29 -8.75
CA GLU A 98 -23.09 -12.97 -8.14
C GLU A 98 -23.07 -13.06 -6.61
N ALA A 99 -23.31 -14.25 -6.06
CA ALA A 99 -23.31 -14.45 -4.62
C ALA A 99 -21.92 -14.42 -4.02
N ASN A 100 -20.87 -14.44 -4.83
CA ASN A 100 -19.52 -14.32 -4.28
C ASN A 100 -19.27 -12.93 -3.72
N VAL A 101 -19.88 -11.89 -4.32
CA VAL A 101 -19.81 -10.57 -3.69
C VAL A 101 -20.59 -10.56 -2.38
N ARG A 102 -21.68 -11.34 -2.30
CA ARG A 102 -22.42 -11.47 -1.06
C ARG A 102 -21.57 -12.13 0.03
N GLU A 103 -20.95 -13.26 -0.30
CA GLU A 103 -20.18 -14.01 0.68
C GLU A 103 -19.07 -13.16 1.30
N ILE A 104 -18.27 -12.50 0.46
CA ILE A 104 -17.10 -11.85 1.03
C ILE A 104 -17.49 -10.73 1.97
N PHE A 105 -18.59 -10.03 1.71
CA PHE A 105 -19.05 -9.03 2.66
C PHE A 105 -19.56 -9.68 3.95
N ASP A 106 -20.21 -10.84 3.86
CA ASP A 106 -20.60 -11.55 5.07
C ASP A 106 -19.39 -11.88 5.93
N LYS A 107 -18.32 -12.38 5.30
CA LYS A 107 -17.14 -12.78 6.09
C LYS A 107 -16.46 -11.55 6.71
N ALA A 108 -16.40 -10.44 5.99
CA ALA A 108 -15.89 -9.20 6.59
C ALA A 108 -16.73 -8.80 7.80
N ARG A 109 -18.05 -8.84 7.66
CA ARG A 109 -18.92 -8.52 8.79
C ARG A 109 -18.67 -9.46 9.97
N GLN A 110 -18.49 -10.75 9.70
CA GLN A 110 -18.21 -11.71 10.76
C GLN A 110 -16.88 -11.45 11.43
N ALA A 111 -15.92 -10.86 10.69
CA ALA A 111 -14.58 -10.66 11.21
C ALA A 111 -14.38 -9.27 11.81
N ALA A 112 -15.47 -8.49 11.96
CA ALA A 112 -15.35 -7.09 12.37
C ALA A 112 -14.77 -6.98 13.79
N PRO A 113 -14.04 -5.89 14.10
CA PRO A 113 -13.63 -4.79 13.20
C PRO A 113 -12.66 -5.25 12.12
N CYS A 114 -12.86 -4.78 10.90
CA CYS A 114 -12.22 -5.39 9.74
C CYS A 114 -11.98 -4.33 8.65
N VAL A 115 -10.84 -4.46 7.98
CA VAL A 115 -10.54 -3.75 6.74
C VAL A 115 -10.70 -4.73 5.60
N LEU A 116 -11.54 -4.37 4.62
CA LEU A 116 -11.79 -5.16 3.43
C LEU A 116 -11.16 -4.46 2.22
N PHE A 117 -10.16 -5.09 1.62
CA PHE A 117 -9.31 -4.47 0.62
C PHE A 117 -9.53 -5.11 -0.74
N PHE A 118 -10.06 -4.36 -1.70
CA PHE A 118 -10.27 -4.86 -3.06
C PHE A 118 -9.07 -4.42 -3.90
N ASP A 119 -8.22 -5.37 -4.26
CA ASP A 119 -7.03 -5.11 -5.06
C ASP A 119 -7.31 -5.37 -6.54
N GLU A 120 -6.49 -4.76 -7.40
CA GLU A 120 -6.56 -4.97 -8.85
C GLU A 120 -7.98 -4.72 -9.37
N LEU A 121 -8.52 -3.57 -8.99
CA LEU A 121 -9.88 -3.26 -9.37
C LEU A 121 -9.97 -2.78 -10.81
N ASP A 122 -8.87 -2.24 -11.35
CA ASP A 122 -8.81 -1.87 -12.76
C ASP A 122 -9.13 -3.06 -13.66
N SER A 123 -8.85 -4.29 -13.20
CA SER A 123 -9.14 -5.47 -14.01
C SER A 123 -10.65 -5.61 -14.25
N ILE A 124 -11.45 -5.40 -13.19
CA ILE A 124 -12.90 -5.47 -13.33
C ILE A 124 -13.39 -4.41 -14.31
N ALA A 125 -12.88 -3.18 -14.19
CA ALA A 125 -13.27 -2.11 -15.09
C ALA A 125 -12.86 -2.38 -16.54
N LYS A 126 -12.26 -3.54 -16.81
CA LYS A 126 -11.89 -3.97 -18.15
C LYS A 126 -10.96 -2.97 -18.81
N ALA A 138 -22.19 -9.40 -16.90
CA ALA A 138 -21.09 -10.24 -16.42
C ALA A 138 -20.33 -9.51 -15.32
N ALA A 139 -19.17 -8.99 -15.67
CA ALA A 139 -18.44 -8.09 -14.77
C ALA A 139 -19.23 -6.82 -14.49
N ASP A 140 -20.31 -6.57 -15.23
CA ASP A 140 -21.10 -5.37 -15.04
C ASP A 140 -21.92 -5.40 -13.75
N ARG A 141 -22.17 -6.57 -13.17
CA ARG A 141 -22.90 -6.63 -11.93
C ARG A 141 -22.19 -7.39 -10.82
N VAL A 142 -20.97 -7.88 -11.05
CA VAL A 142 -20.03 -7.93 -9.95
C VAL A 142 -19.90 -6.53 -9.37
N ILE A 143 -19.81 -5.53 -10.25
CA ILE A 143 -19.82 -4.13 -9.82
C ILE A 143 -21.13 -3.80 -9.13
N ASN A 144 -22.26 -4.10 -9.77
CA ASN A 144 -23.55 -3.74 -9.20
C ASN A 144 -23.79 -4.42 -7.87
N GLN A 145 -23.25 -5.63 -7.67
CA GLN A 145 -23.40 -6.27 -6.36
C GLN A 145 -22.51 -5.60 -5.32
N ILE A 146 -21.27 -5.25 -5.70
CA ILE A 146 -20.41 -4.50 -4.78
C ILE A 146 -21.09 -3.22 -4.34
N LEU A 147 -21.60 -2.46 -5.30
CA LEU A 147 -22.31 -1.23 -4.94
C LEU A 147 -23.53 -1.54 -4.09
N THR A 148 -24.17 -2.70 -4.32
CA THR A 148 -25.31 -3.08 -3.51
C THR A 148 -24.89 -3.39 -2.07
N GLU A 149 -23.86 -4.24 -1.91
CA GLU A 149 -23.41 -4.59 -0.56
C GLU A 149 -22.94 -3.38 0.22
N MET A 150 -22.37 -2.38 -0.47
CA MET A 150 -21.89 -1.19 0.23
C MET A 150 -23.03 -0.36 0.77
N ASP A 151 -24.13 -0.24 0.02
CA ASP A 151 -25.23 0.61 0.46
C ASP A 151 -26.00 -0.02 1.61
N GLY A 152 -26.04 -1.35 1.66
CA GLY A 152 -26.74 -2.06 2.71
C GLY A 152 -25.90 -2.38 3.92
N MET A 153 -24.76 -1.71 4.06
CA MET A 153 -23.89 -1.89 5.23
C MET A 153 -23.63 -0.54 5.87
N SER A 154 -24.27 -0.33 7.02
CA SER A 154 -24.05 0.83 7.87
C SER A 154 -22.63 0.81 8.44
N THR A 155 -22.17 2.00 8.89
CA THR A 155 -20.86 2.06 9.54
C THR A 155 -20.87 1.40 10.92
N LYS A 156 -22.04 1.22 11.53
CA LYS A 156 -22.06 0.53 12.81
C LYS A 156 -21.58 -0.91 12.71
N LYS A 157 -21.43 -1.43 11.48
CA LYS A 157 -20.91 -2.79 11.31
C LYS A 157 -19.40 -2.88 11.47
N ASN A 158 -18.70 -1.76 11.56
CA ASN A 158 -17.25 -1.73 11.84
C ASN A 158 -16.44 -2.42 10.75
N VAL A 159 -16.87 -2.32 9.49
CA VAL A 159 -16.09 -2.77 8.33
C VAL A 159 -15.70 -1.53 7.52
N PHE A 160 -14.40 -1.40 7.22
CA PHE A 160 -13.83 -0.29 6.46
C PHE A 160 -13.33 -0.81 5.12
N ILE A 161 -13.84 -0.24 4.03
CA ILE A 161 -13.57 -0.75 2.68
C ILE A 161 -12.47 0.09 2.02
N ILE A 162 -11.53 -0.58 1.36
CA ILE A 162 -10.46 0.10 0.63
C ILE A 162 -10.34 -0.55 -0.75
N GLY A 163 -10.34 0.27 -1.80
CA GLY A 163 -10.05 -0.23 -3.13
C GLY A 163 -8.76 0.37 -3.65
N ALA A 164 -8.13 -0.28 -4.62
CA ALA A 164 -6.92 0.26 -5.22
C ALA A 164 -6.96 0.01 -6.73
N THR A 165 -6.36 0.92 -7.50
CA THR A 165 -6.34 0.76 -8.96
C THR A 165 -5.12 1.44 -9.56
N ASN A 166 -4.64 0.86 -10.68
CA ASN A 166 -3.60 1.45 -11.49
CA ASN A 166 -3.60 1.51 -11.45
C ASN A 166 -4.15 2.19 -12.71
N ARG A 167 -5.48 2.26 -12.86
CA ARG A 167 -6.13 2.83 -14.04
C ARG A 167 -7.19 3.84 -13.60
N PRO A 168 -6.78 5.03 -13.16
CA PRO A 168 -7.78 5.99 -12.65
C PRO A 168 -8.70 6.55 -13.72
N ASP A 169 -8.31 6.50 -14.99
CA ASP A 169 -9.14 7.04 -16.06
C ASP A 169 -10.45 6.27 -16.25
N ILE A 170 -10.53 5.00 -15.86
CA ILE A 170 -11.73 4.20 -16.09
C ILE A 170 -12.50 3.92 -14.80
N ILE A 171 -12.26 4.69 -13.74
CA ILE A 171 -13.08 4.57 -12.53
C ILE A 171 -14.51 4.98 -12.84
N ASP A 172 -15.46 4.12 -12.48
CA ASP A 172 -16.89 4.45 -12.51
C ASP A 172 -17.20 5.40 -11.37
N PRO A 173 -17.53 6.66 -11.64
CA PRO A 173 -17.74 7.63 -10.54
C PRO A 173 -18.86 7.25 -9.58
N ALA A 174 -19.67 6.25 -9.93
CA ALA A 174 -20.72 5.79 -9.02
C ALA A 174 -20.14 5.31 -7.69
N ILE A 175 -18.96 4.70 -7.72
CA ILE A 175 -18.35 4.17 -6.50
C ILE A 175 -17.89 5.26 -5.55
N LEU A 176 -17.81 6.51 -6.00
CA LEU A 176 -17.35 7.60 -5.15
C LEU A 176 -18.47 8.49 -4.64
N ARG A 177 -19.72 8.18 -4.93
CA ARG A 177 -20.82 9.00 -4.43
C ARG A 177 -20.88 8.98 -2.90
N PRO A 178 -21.44 10.02 -2.29
CA PRO A 178 -21.63 10.03 -0.84
C PRO A 178 -22.40 8.81 -0.35
N GLY A 179 -21.83 8.12 0.64
CA GLY A 179 -22.35 6.86 1.12
C GLY A 179 -21.56 5.66 0.67
N ARG A 180 -20.59 5.84 -0.23
CA ARG A 180 -19.70 4.75 -0.62
C ARG A 180 -18.29 5.23 -0.30
N LEU A 181 -17.28 4.86 -1.09
CA LEU A 181 -15.93 5.35 -0.86
C LEU A 181 -15.82 6.88 -0.82
N ASP A 182 -15.28 7.42 0.29
CA ASP A 182 -15.44 8.84 0.60
C ASP A 182 -14.39 9.76 -0.04
N GLN A 183 -13.21 9.25 -0.37
CA GLN A 183 -12.26 10.11 -1.06
C GLN A 183 -11.36 9.26 -1.95
N LEU A 184 -10.89 9.90 -3.03
CA LEU A 184 -9.96 9.34 -4.00
C LEU A 184 -8.58 9.93 -3.74
N ILE A 185 -7.58 9.08 -3.53
CA ILE A 185 -6.29 9.51 -3.00
C ILE A 185 -5.19 8.98 -3.92
N TYR A 186 -4.30 9.90 -4.34
CA TYR A 186 -3.21 9.62 -5.27
C TYR A 186 -1.98 9.18 -4.48
N ILE A 187 -1.44 8.03 -4.83
CA ILE A 187 -0.20 7.51 -4.27
C ILE A 187 0.86 7.53 -5.37
N PRO A 188 1.76 8.53 -5.44
CA PRO A 188 2.66 8.67 -6.58
C PRO A 188 4.00 7.96 -6.39
N LEU A 189 4.70 7.82 -7.51
CA LEU A 189 6.12 7.47 -7.47
C LEU A 189 6.84 8.34 -6.45
N PRO A 190 7.80 7.81 -5.69
CA PRO A 190 8.51 8.63 -4.70
C PRO A 190 9.43 9.65 -5.36
N ASP A 191 9.42 10.88 -4.83
CA ASP A 191 10.42 11.88 -5.17
C ASP A 191 11.72 11.56 -4.43
N GLU A 192 12.74 12.40 -4.61
CA GLU A 192 14.05 12.12 -4.04
C GLU A 192 14.00 11.96 -2.52
N LYS A 193 13.35 12.89 -1.83
CA LYS A 193 13.23 12.75 -0.38
C LYS A 193 12.53 11.46 -0.01
N SER A 194 11.47 11.10 -0.74
CA SER A 194 10.74 9.88 -0.37
C SER A 194 11.54 8.61 -0.65
N ARG A 195 12.45 8.66 -1.65
CA ARG A 195 13.31 7.51 -1.92
C ARG A 195 14.28 7.26 -0.77
N VAL A 196 14.83 8.32 -0.17
CA VAL A 196 15.65 8.16 1.03
C VAL A 196 14.82 7.55 2.16
N ALA A 197 13.57 8.00 2.33
CA ALA A 197 12.72 7.47 3.41
C ALA A 197 12.40 5.99 3.19
N ILE A 198 12.11 5.61 1.95
CA ILE A 198 11.80 4.21 1.65
C ILE A 198 12.99 3.32 1.96
N LEU A 199 14.18 3.73 1.51
CA LEU A 199 15.40 2.98 1.81
C LEU A 199 15.59 2.83 3.32
N LYS A 200 15.47 3.94 4.05
CA LYS A 200 15.69 3.90 5.49
C LYS A 200 14.67 3.01 6.21
N ALA A 201 13.40 3.07 5.79
CA ALA A 201 12.37 2.25 6.44
C ALA A 201 12.60 0.77 6.19
N ASN A 202 13.01 0.41 4.96
CA ASN A 202 13.32 -0.99 4.65
C ASN A 202 14.47 -1.51 5.51
N LEU A 203 15.49 -0.67 5.74
CA LEU A 203 16.74 -1.07 6.41
C LEU A 203 16.74 -0.72 7.88
N ARG A 204 15.58 -0.31 8.40
CA ARG A 204 15.39 0.13 9.78
C ARG A 204 15.97 -0.84 10.83
N LYS A 205 15.85 -2.15 10.59
CA LYS A 205 16.29 -3.15 11.56
C LYS A 205 17.41 -4.04 11.00
N SER A 206 18.20 -3.50 10.06
CA SER A 206 19.28 -4.19 9.36
C SER A 206 20.62 -3.58 9.74
N PRO A 207 21.70 -4.37 9.72
CA PRO A 207 23.00 -3.81 10.12
C PRO A 207 23.74 -3.23 8.92
N VAL A 208 23.52 -1.94 8.66
CA VAL A 208 24.06 -1.25 7.48
C VAL A 208 25.43 -0.65 7.80
N ALA A 209 26.40 -0.84 6.91
CA ALA A 209 27.74 -0.32 7.15
C ALA A 209 27.76 1.22 7.09
N LYS A 210 28.72 1.80 7.79
CA LYS A 210 28.80 3.25 7.83
C LYS A 210 29.24 3.84 6.48
N ASP A 211 29.85 3.05 5.61
CA ASP A 211 30.23 3.62 4.31
C ASP A 211 29.06 3.67 3.33
N VAL A 212 27.82 3.41 3.78
CA VAL A 212 26.68 3.34 2.88
C VAL A 212 25.98 4.69 2.87
N ASP A 213 25.77 5.24 1.67
CA ASP A 213 25.24 6.60 1.49
C ASP A 213 23.90 6.46 0.79
N LEU A 214 22.79 6.45 1.56
CA LEU A 214 21.48 6.26 0.94
C LEU A 214 20.98 7.52 0.23
N GLU A 215 21.39 8.66 0.71
CA GLU A 215 21.11 9.92 -0.16
C GLU A 215 21.74 10.00 -1.61
N PHE A 216 22.92 9.39 -1.71
CA PHE A 216 23.45 9.18 -3.06
C PHE A 216 22.69 8.10 -3.80
N LEU A 217 22.29 7.03 -3.10
CA LEU A 217 21.50 6.01 -3.76
C LEU A 217 20.19 6.59 -4.27
N ALA A 218 19.54 7.45 -3.47
CA ALA A 218 18.31 8.08 -3.89
C ALA A 218 18.50 8.92 -5.14
N LYS A 219 19.61 9.67 -5.22
CA LYS A 219 19.88 10.51 -6.38
C LYS A 219 20.03 9.71 -7.67
N MET A 220 20.50 8.46 -7.58
CA MET A 220 20.72 7.63 -8.77
C MET A 220 19.50 6.76 -9.12
N THR A 221 18.36 6.93 -8.47
CA THR A 221 17.21 6.08 -8.75
C THR A 221 15.97 6.90 -9.11
N ASN A 222 16.15 8.00 -9.83
CA ASN A 222 15.00 8.76 -10.28
C ASN A 222 14.11 7.89 -11.17
N GLY A 223 12.80 7.90 -10.91
CA GLY A 223 11.88 7.02 -11.63
C GLY A 223 11.63 5.67 -10.97
N PHE A 224 12.41 5.28 -9.96
CA PHE A 224 12.20 3.99 -9.32
C PHE A 224 10.96 4.04 -8.45
N SER A 225 10.24 2.91 -8.37
CA SER A 225 9.11 2.70 -7.47
C SER A 225 9.60 2.22 -6.11
N GLY A 226 8.68 2.22 -5.13
CA GLY A 226 9.00 1.66 -3.83
C GLY A 226 9.42 0.20 -3.90
N ALA A 227 8.74 -0.58 -4.75
CA ALA A 227 9.15 -1.97 -4.96
C ALA A 227 10.52 -2.07 -5.60
N ASP A 228 10.85 -1.19 -6.56
CA ASP A 228 12.18 -1.25 -7.19
C ASP A 228 13.29 -1.00 -6.17
N LEU A 229 13.10 -0.01 -5.30
CA LEU A 229 14.07 0.26 -4.24
C LEU A 229 14.19 -0.92 -3.26
N THR A 230 13.06 -1.52 -2.87
CA THR A 230 13.10 -2.63 -1.91
C THR A 230 13.88 -3.83 -2.47
N GLU A 231 13.80 -4.07 -3.79
CA GLU A 231 14.53 -5.17 -4.38
C GLU A 231 16.05 -4.97 -4.29
N ILE A 232 16.51 -3.74 -4.47
CA ILE A 232 17.93 -3.46 -4.23
C ILE A 232 18.34 -3.84 -2.81
N CYS A 233 17.54 -3.43 -1.83
CA CYS A 233 17.84 -3.74 -0.44
C CYS A 233 17.86 -5.26 -0.18
N GLN A 234 16.90 -5.99 -0.75
CA GLN A 234 16.86 -7.44 -0.55
C GLN A 234 18.05 -8.13 -1.21
N ARG A 235 18.39 -7.73 -2.44
CA ARG A 235 19.56 -8.31 -3.10
C ARG A 235 20.83 -8.05 -2.31
N ALA A 236 20.97 -6.86 -1.74
CA ALA A 236 22.21 -6.54 -1.05
C ALA A 236 22.33 -7.29 0.28
N CYS A 237 21.19 -7.54 0.94
CA CYS A 237 21.19 -8.31 2.17
C CYS A 237 21.59 -9.76 1.90
N LYS A 238 21.06 -10.36 0.83
CA LYS A 238 21.43 -11.74 0.52
C LYS A 238 22.89 -11.87 0.10
N LEU A 239 23.44 -10.88 -0.61
CA LEU A 239 24.85 -10.94 -0.97
C LEU A 239 25.73 -10.97 0.27
N ALA A 240 25.38 -10.16 1.29
CA ALA A 240 26.12 -10.15 2.55
C ALA A 240 25.98 -11.48 3.30
N ILE A 241 24.79 -12.07 3.29
CA ILE A 241 24.59 -13.35 3.98
C ILE A 241 25.40 -14.43 3.28
N ARG A 242 25.25 -14.53 1.96
CA ARG A 242 25.98 -15.54 1.19
C ARG A 242 27.49 -15.39 1.36
N GLU A 243 27.98 -14.15 1.40
CA GLU A 243 29.39 -13.92 1.68
C GLU A 243 29.77 -14.39 3.09
N SER A 244 28.87 -14.19 4.06
CA SER A 244 29.15 -14.64 5.43
C SER A 244 29.25 -16.16 5.50
N ILE A 245 28.37 -16.87 4.78
CA ILE A 245 28.44 -18.33 4.70
C ILE A 245 29.79 -18.78 4.18
N GLU A 246 30.24 -18.21 3.05
CA GLU A 246 31.45 -18.73 2.42
C GLU A 246 32.70 -18.35 3.22
N SER A 247 32.68 -17.21 3.90
CA SER A 247 33.79 -16.85 4.77
C SER A 247 33.93 -17.85 5.93
N GLU A 248 32.81 -18.22 6.55
CA GLU A 248 32.91 -19.14 7.68
C GLU A 248 33.27 -20.55 7.24
N ILE A 249 32.75 -20.98 6.08
CA ILE A 249 33.17 -22.27 5.51
C ILE A 249 34.69 -22.31 5.39
N ARG A 250 35.28 -21.22 4.91
CA ARG A 250 36.73 -21.20 4.68
C ARG A 250 37.51 -21.15 5.99
N ARG A 251 37.06 -20.36 6.96
CA ARG A 251 37.81 -20.24 8.22
C ARG A 251 37.83 -21.58 8.96
N GLU A 252 36.78 -22.39 8.83
CA GLU A 252 36.74 -23.67 9.53
C GLU A 252 37.71 -24.68 8.96
N ARG A 253 38.36 -24.36 7.83
CA ARG A 253 39.57 -25.08 7.46
C ARG A 253 40.75 -24.65 8.32
N GLU A 254 41.01 -23.34 8.39
CA GLU A 254 42.07 -22.74 9.23
C GLU A 254 43.42 -23.43 9.05
N PRO A 269 29.69 -11.05 16.57
CA PRO A 269 30.12 -10.00 15.63
C PRO A 269 29.24 -9.95 14.37
N VAL A 270 28.09 -9.26 14.45
CA VAL A 270 27.11 -9.28 13.35
C VAL A 270 27.74 -8.70 12.09
N PRO A 271 27.68 -9.38 10.95
CA PRO A 271 28.28 -8.85 9.72
C PRO A 271 27.36 -7.83 9.06
N GLU A 272 27.98 -6.83 8.42
CA GLU A 272 27.25 -5.68 7.92
C GLU A 272 26.91 -5.83 6.44
N ILE A 273 25.90 -5.08 6.01
CA ILE A 273 25.68 -4.86 4.58
C ILE A 273 26.48 -3.62 4.17
N ARG A 274 27.45 -3.79 3.27
CA ARG A 274 28.43 -2.76 2.95
C ARG A 274 28.11 -2.05 1.64
N ARG A 275 28.87 -0.97 1.37
CA ARG A 275 28.70 -0.25 0.10
C ARG A 275 28.89 -1.16 -1.11
N ASP A 276 29.84 -2.11 -1.05
CA ASP A 276 30.05 -2.93 -2.23
C ASP A 276 28.95 -3.96 -2.46
N HIS A 277 28.16 -4.32 -1.43
CA HIS A 277 26.98 -5.14 -1.68
C HIS A 277 25.91 -4.35 -2.44
N PHE A 278 25.71 -3.08 -2.07
CA PHE A 278 24.80 -2.24 -2.83
C PHE A 278 25.32 -1.98 -4.24
N GLU A 279 26.64 -1.85 -4.42
CA GLU A 279 27.17 -1.67 -5.77
C GLU A 279 26.79 -2.84 -6.67
N GLU A 280 26.91 -4.08 -6.16
CA GLU A 280 26.56 -5.22 -6.99
C GLU A 280 25.05 -5.29 -7.22
N ALA A 281 24.27 -4.98 -6.18
CA ALA A 281 22.81 -5.10 -6.30
C ALA A 281 22.24 -4.16 -7.34
N MET A 282 22.85 -2.99 -7.54
CA MET A 282 22.37 -2.01 -8.51
C MET A 282 22.57 -2.44 -9.95
N ARG A 283 23.42 -3.44 -10.19
CA ARG A 283 23.54 -3.97 -11.54
C ARG A 283 22.26 -4.64 -12.00
N PHE A 284 21.48 -5.21 -11.07
CA PHE A 284 20.24 -5.91 -11.38
C PHE A 284 19.01 -5.03 -11.27
N ALA A 285 19.16 -3.71 -11.36
CA ALA A 285 18.08 -2.79 -11.05
C ALA A 285 17.71 -1.95 -12.27
N ARG A 286 16.42 -1.83 -12.53
CA ARG A 286 15.90 -0.77 -13.39
C ARG A 286 14.41 -0.62 -13.12
N ARG A 287 13.89 0.58 -13.43
CA ARG A 287 12.49 0.92 -13.23
C ARG A 287 11.56 -0.12 -13.84
N SER A 288 10.40 -0.24 -13.24
CA SER A 288 9.34 -1.08 -13.78
C SER A 288 8.17 -0.28 -14.37
N VAL A 289 8.16 1.04 -14.22
CA VAL A 289 7.07 1.87 -14.72
C VAL A 289 7.62 2.80 -15.79
N SER A 290 7.00 2.78 -16.97
CA SER A 290 7.54 3.55 -18.08
C SER A 290 7.28 5.05 -17.90
N ASP A 291 8.12 5.84 -18.60
CA ASP A 291 7.94 7.29 -18.64
C ASP A 291 6.56 7.69 -19.13
N ASN A 292 5.98 6.91 -20.05
CA ASN A 292 4.70 7.28 -20.62
C ASN A 292 3.55 7.08 -19.63
N ASP A 293 3.57 5.98 -18.88
CA ASP A 293 2.55 5.78 -17.84
C ASP A 293 2.64 6.88 -16.79
N ILE A 294 3.86 7.24 -16.39
CA ILE A 294 4.06 8.30 -15.39
C ILE A 294 3.40 9.60 -15.86
N ARG A 295 3.63 9.98 -17.13
CA ARG A 295 2.97 11.16 -17.68
C ARG A 295 1.46 11.07 -17.54
N LYS A 296 0.91 9.88 -17.80
CA LYS A 296 -0.54 9.71 -17.71
C LYS A 296 -1.04 9.89 -16.29
N TYR A 297 -0.33 9.35 -15.29
CA TYR A 297 -0.76 9.55 -13.91
C TYR A 297 -0.68 11.03 -13.53
N GLU A 298 0.41 11.70 -13.91
CA GLU A 298 0.60 13.09 -13.53
C GLU A 298 -0.45 13.99 -14.17
N MET A 299 -0.79 13.74 -15.44
CA MET A 299 -1.90 14.50 -16.04
C MET A 299 -3.19 14.29 -15.27
N PHE A 300 -3.54 13.03 -14.98
CA PHE A 300 -4.78 12.78 -14.26
C PHE A 300 -4.83 13.57 -12.95
N ALA A 301 -3.74 13.52 -12.17
CA ALA A 301 -3.78 14.16 -10.86
C ALA A 301 -3.69 15.68 -10.96
N GLN A 302 -2.87 16.21 -11.88
CA GLN A 302 -2.75 17.67 -12.00
C GLN A 302 -4.07 18.31 -12.43
N THR A 303 -4.77 17.70 -13.39
CA THR A 303 -6.06 18.26 -13.80
C THR A 303 -7.08 18.24 -12.66
N LEU A 304 -7.04 17.21 -11.81
CA LEU A 304 -7.87 17.28 -10.60
C LEU A 304 -7.47 18.42 -9.68
N GLN A 305 -6.31 19.05 -9.92
CA GLN A 305 -5.69 20.01 -9.03
C GLN A 305 -5.20 19.34 -7.76
N GLN A 306 -5.05 18.01 -7.83
CA GLN A 306 -4.77 17.14 -6.69
C GLN A 306 -3.28 17.09 -6.35
#